data_4ZTJ
#
_entry.id   4ZTJ
#
_cell.length_a   158.960
_cell.length_b   158.960
_cell.length_c   124.470
_cell.angle_alpha   90.000
_cell.angle_beta   90.000
_cell.angle_gamma   90.000
#
_symmetry.space_group_name_H-M   'P 41 21 2'
#
loop_
_entity.id
_entity.type
_entity.pdbx_description
1 polymer 'PFV INTEGRASE'
2 polymer "DNA (5'-D(*AP*TP*TP*GP*TP*CP*AP*TP*GP*GP*AP*AP*TP*TP*TP*CP*GP*CP*A)-3')"
3 polymer "DNA (5'-D(*TP*GP*CP*GP*AP*AP*AP*TP*TP*CP*CP*AP*TP*GP*AP*CP*A)-3')"
4 non-polymer 'ZINC ION'
5 non-polymer GLYCEROL
6 non-polymer 'MAGNESIUM ION'
7 non-polymer 'SULFATE ION'
8 non-polymer "(1R,2S,5R)-8'-(3-chloro-4-fluorobenzyl)-6'-hydroxy-1-(hydroxymethyl)-2'-methyl-9',10'-dihydro-2'H-spiro[bicyclo[3.1.0]hexane-2,3'-imidazo[5,1-a][2,6]naphthyridine]-1',5',7'(8'H)-trione"
9 water water
#
loop_
_entity_poly.entity_id
_entity_poly.type
_entity_poly.pdbx_seq_one_letter_code
_entity_poly.pdbx_strand_id
1 'polypeptide(L)'
;GPGCNTKKPNLDAELDQLLQGHYIKGYPKQYTYFLEDGKVKVSRPEGVKIIPPQSDRQKIVLQAHNLAHTGREATLLKIA
NLYWWPNMRKDVVKQLGRCQQCLITNASNKASGPILRPDRPQKPFDKFFIDYIGPLPPSQGYLYVLVVVDGMTGFTWLYP
TKAPSTSATVKSLNVLTSIAIPKVIHSDQGAAFTSSTFAEWAKERGIHLEFSTPYHPQSSGKVERKNSDIKRLLTKLLVG
RPTKWYDLLPVVQLALNNTYSPVLKYTPHQLLFGIDSNTPFANQDTLDLTREEELSLLQEIRTSLYHPSTPPASSRSWSP
VVGQLVQERVARPASLRPRWHKPSTVLKVLNPRTVVILDHLGNNRTVSIDNLKPTSHQNGTTNDTATMDHLEKNE
;
A,B
2 'polydeoxyribonucleotide' (DA)(DT)(DT)(DG)(DT)(DC)(DA)(DT)(DG)(DG)(DA)(DA)(DT)(DT)(DT)(DC)(DG)(DC)(DA) C
3 'polydeoxyribonucleotide' (DT)(DG)(DC)(DG)(DA)(DA)(DA)(DT)(DT)(DC)(DC)(DA)(DT)(DG)(DA)(DC)(DA) D
#
# COMPACT_ATOMS: atom_id res chain seq x y z
N LEU A 11 5.32 -37.81 -48.64
CA LEU A 11 5.04 -39.23 -48.73
C LEU A 11 4.29 -39.63 -50.03
N ASP A 12 5.07 -39.99 -51.08
CA ASP A 12 4.57 -40.43 -52.40
C ASP A 12 4.17 -41.91 -52.36
N ALA A 13 4.81 -42.71 -51.48
CA ALA A 13 4.53 -44.14 -51.30
C ALA A 13 3.14 -44.31 -50.68
N GLU A 14 2.79 -43.42 -49.72
CA GLU A 14 1.50 -43.38 -49.01
C GLU A 14 0.35 -43.11 -50.01
N LEU A 15 0.56 -42.16 -50.93
CA LEU A 15 -0.43 -41.78 -51.95
C LEU A 15 -0.53 -42.79 -53.11
N ASP A 16 0.48 -43.67 -53.26
CA ASP A 16 0.53 -44.68 -54.34
C ASP A 16 -0.60 -45.72 -54.20
N GLN A 17 -0.73 -46.34 -52.99
CA GLN A 17 -1.75 -47.37 -52.67
C GLN A 17 -3.16 -46.85 -52.81
N LEU A 18 -3.32 -45.53 -52.61
CA LEU A 18 -4.56 -44.78 -52.67
C LEU A 18 -5.13 -44.77 -54.10
N LEU A 19 -4.28 -44.42 -55.09
CA LEU A 19 -4.63 -44.37 -56.51
C LEU A 19 -5.08 -45.76 -57.01
N GLN A 20 -4.43 -46.82 -56.49
CA GLN A 20 -4.70 -48.23 -56.77
C GLN A 20 -6.13 -48.53 -56.30
N GLY A 21 -6.40 -48.25 -55.02
CA GLY A 21 -7.73 -48.43 -54.43
C GLY A 21 -7.79 -49.06 -53.06
N HIS A 22 -6.64 -49.43 -52.44
CA HIS A 22 -6.70 -50.05 -51.11
C HIS A 22 -6.68 -49.01 -49.98
N TYR A 23 -7.49 -49.26 -48.93
CA TYR A 23 -7.69 -48.40 -47.76
C TYR A 23 -6.41 -48.01 -47.00
N ILE A 24 -6.31 -46.70 -46.65
CA ILE A 24 -5.23 -46.10 -45.86
C ILE A 24 -5.91 -45.35 -44.70
N LYS A 25 -5.47 -45.60 -43.45
CA LYS A 25 -6.02 -44.97 -42.23
C LYS A 25 -6.00 -43.45 -42.32
N GLY A 26 -7.21 -42.88 -42.33
CA GLY A 26 -7.40 -41.43 -42.43
C GLY A 26 -8.08 -40.96 -43.70
N TYR A 27 -8.00 -41.76 -44.78
CA TYR A 27 -8.61 -41.42 -46.06
C TYR A 27 -9.95 -42.16 -46.17
N PRO A 28 -11.11 -41.45 -46.20
CA PRO A 28 -12.40 -42.18 -46.31
C PRO A 28 -12.44 -43.02 -47.59
N LYS A 29 -12.75 -44.33 -47.45
CA LYS A 29 -12.80 -45.25 -48.59
C LYS A 29 -13.94 -44.97 -49.58
N GLN A 30 -14.99 -44.23 -49.14
CA GLN A 30 -16.15 -43.88 -49.97
C GLN A 30 -15.88 -42.78 -51.03
N TYR A 31 -14.63 -42.31 -51.16
CA TYR A 31 -14.25 -41.27 -52.11
C TYR A 31 -13.36 -41.78 -53.24
N THR A 32 -13.43 -41.08 -54.39
CA THR A 32 -12.66 -41.40 -55.59
C THR A 32 -11.36 -40.60 -55.66
N TYR A 33 -10.24 -41.30 -55.40
CA TYR A 33 -8.87 -40.80 -55.41
C TYR A 33 -8.21 -41.10 -56.76
N PHE A 34 -8.10 -40.09 -57.63
CA PHE A 34 -7.52 -40.21 -58.96
C PHE A 34 -6.22 -39.44 -59.14
N LEU A 35 -5.64 -39.49 -60.36
CA LEU A 35 -4.41 -38.77 -60.75
C LEU A 35 -4.75 -37.91 -61.96
N GLU A 36 -4.32 -36.64 -61.92
CA GLU A 36 -4.57 -35.64 -62.95
C GLU A 36 -3.48 -34.58 -62.83
N ASP A 37 -3.00 -34.03 -63.97
CA ASP A 37 -1.95 -33.00 -64.08
C ASP A 37 -0.67 -33.31 -63.29
N GLY A 38 -0.43 -34.60 -63.04
CA GLY A 38 0.72 -35.10 -62.30
C GLY A 38 0.59 -35.02 -60.79
N LYS A 39 -0.65 -34.93 -60.28
CA LYS A 39 -0.89 -34.85 -58.82
C LYS A 39 -2.15 -35.62 -58.39
N VAL A 40 -2.13 -36.13 -57.15
CA VAL A 40 -3.24 -36.89 -56.59
C VAL A 40 -4.39 -35.93 -56.24
N LYS A 41 -5.60 -36.23 -56.73
CA LYS A 41 -6.80 -35.42 -56.51
C LYS A 41 -7.94 -36.28 -55.93
N VAL A 42 -8.95 -35.62 -55.38
CA VAL A 42 -10.13 -36.27 -54.78
C VAL A 42 -11.36 -35.44 -55.05
N SER A 43 -12.46 -36.08 -55.52
CA SER A 43 -13.68 -35.32 -55.75
C SER A 43 -14.41 -35.29 -54.41
N ARG A 44 -14.41 -34.12 -53.76
CA ARG A 44 -15.05 -33.96 -52.46
C ARG A 44 -16.38 -33.20 -52.59
N PRO A 45 -17.30 -33.25 -51.59
CA PRO A 45 -18.59 -32.54 -51.75
C PRO A 45 -18.40 -31.07 -52.10
N GLU A 46 -17.42 -30.42 -51.45
CA GLU A 46 -17.04 -29.02 -51.64
C GLU A 46 -16.52 -28.77 -53.07
N GLY A 47 -15.83 -29.76 -53.64
CA GLY A 47 -15.23 -29.70 -54.97
C GLY A 47 -13.98 -30.56 -55.07
N VAL A 48 -13.32 -30.56 -56.24
CA VAL A 48 -12.10 -31.35 -56.47
C VAL A 48 -10.90 -30.68 -55.79
N LYS A 49 -10.21 -31.41 -54.90
CA LYS A 49 -9.05 -30.89 -54.16
C LYS A 49 -7.81 -31.75 -54.38
N ILE A 50 -6.63 -31.12 -54.34
CA ILE A 50 -5.35 -31.80 -54.51
C ILE A 50 -4.94 -32.39 -53.15
N ILE A 51 -4.50 -33.66 -53.12
CA ILE A 51 -4.04 -34.27 -51.88
C ILE A 51 -2.53 -34.19 -51.94
N PRO A 52 -1.88 -33.25 -51.20
CA PRO A 52 -0.42 -33.19 -51.27
C PRO A 52 0.29 -34.28 -50.48
N PRO A 53 1.47 -34.75 -50.93
CA PRO A 53 2.21 -35.76 -50.14
C PRO A 53 2.55 -35.18 -48.76
N GLN A 54 2.49 -36.01 -47.70
CA GLN A 54 2.78 -35.61 -46.32
C GLN A 54 4.01 -34.67 -46.20
N SER A 55 5.04 -34.91 -47.04
CA SER A 55 6.29 -34.14 -47.09
C SER A 55 6.15 -32.68 -47.59
N ASP A 56 4.97 -32.30 -48.11
CA ASP A 56 4.69 -30.97 -48.64
C ASP A 56 3.79 -30.11 -47.75
N ARG A 57 2.95 -30.77 -46.94
CA ARG A 57 1.94 -30.20 -46.06
C ARG A 57 2.45 -29.11 -45.12
N GLN A 58 3.54 -29.34 -44.39
CA GLN A 58 4.11 -28.34 -43.48
C GLN A 58 4.35 -26.99 -44.19
N LYS A 59 4.94 -27.01 -45.39
CA LYS A 59 5.24 -25.84 -46.23
C LYS A 59 3.96 -25.13 -46.67
N ILE A 60 2.90 -25.91 -47.00
CA ILE A 60 1.60 -25.41 -47.44
C ILE A 60 0.95 -24.60 -46.28
N VAL A 61 0.86 -25.23 -45.11
CA VAL A 61 0.30 -24.66 -43.89
C VAL A 61 1.04 -23.36 -43.56
N LEU A 62 2.37 -23.39 -43.63
CA LEU A 62 3.20 -22.23 -43.35
C LEU A 62 3.00 -21.14 -44.38
N GLN A 63 2.82 -21.47 -45.66
CA GLN A 63 2.58 -20.49 -46.73
C GLN A 63 1.23 -19.79 -46.51
N ALA A 64 0.18 -20.58 -46.22
CA ALA A 64 -1.17 -20.08 -45.98
C ALA A 64 -1.18 -19.22 -44.73
N HIS A 65 -0.61 -19.72 -43.61
CA HIS A 65 -0.55 -18.97 -42.38
C HIS A 65 0.16 -17.63 -42.53
N ASN A 66 1.29 -17.59 -43.25
CA ASN A 66 2.13 -16.41 -43.40
C ASN A 66 1.54 -15.28 -44.24
N LEU A 67 0.46 -15.54 -45.01
CA LEU A 67 -0.16 -14.49 -45.83
C LEU A 67 -0.57 -13.30 -44.95
N ALA A 68 -1.22 -13.57 -43.81
CA ALA A 68 -1.60 -12.51 -42.88
C ALA A 68 -1.44 -12.93 -41.40
N HIS A 69 -0.66 -14.01 -41.13
CA HIS A 69 -0.44 -14.56 -39.80
C HIS A 69 -1.78 -14.83 -39.09
N THR A 70 -2.66 -15.50 -39.83
CA THR A 70 -4.01 -15.87 -39.43
C THR A 70 -4.06 -17.03 -38.46
N GLY A 71 -5.13 -17.07 -37.68
CA GLY A 71 -5.37 -18.13 -36.70
C GLY A 71 -5.84 -19.39 -37.38
N ARG A 72 -6.50 -20.27 -36.60
CA ARG A 72 -6.94 -21.58 -37.05
C ARG A 72 -7.86 -21.59 -38.26
N GLU A 73 -9.07 -21.07 -38.14
CA GLU A 73 -10.07 -21.05 -39.19
C GLU A 73 -9.68 -20.24 -40.41
N ALA A 74 -9.14 -19.03 -40.21
CA ALA A 74 -8.74 -18.20 -41.34
C ALA A 74 -7.58 -18.83 -42.15
N THR A 75 -6.65 -19.56 -41.49
CA THR A 75 -5.55 -20.28 -42.16
C THR A 75 -6.18 -21.49 -42.86
N LEU A 76 -7.06 -22.22 -42.17
CA LEU A 76 -7.71 -23.36 -42.80
C LEU A 76 -8.46 -23.03 -44.09
N LEU A 77 -9.35 -22.00 -44.06
CA LEU A 77 -10.15 -21.57 -45.19
C LEU A 77 -9.32 -21.29 -46.44
N LYS A 78 -8.09 -20.81 -46.29
CA LYS A 78 -7.21 -20.58 -47.43
C LYS A 78 -6.78 -21.92 -47.97
N ILE A 79 -6.15 -22.78 -47.12
CA ILE A 79 -5.67 -24.11 -47.50
C ILE A 79 -6.77 -24.89 -48.25
N ALA A 80 -7.98 -25.00 -47.62
CA ALA A 80 -9.14 -25.72 -48.17
C ALA A 80 -9.60 -25.27 -49.55
N ASN A 81 -9.11 -24.12 -50.05
CA ASN A 81 -9.50 -23.64 -51.37
C ASN A 81 -8.86 -24.49 -52.46
N LEU A 82 -7.64 -25.00 -52.20
CA LEU A 82 -6.86 -25.82 -53.11
C LEU A 82 -6.70 -27.29 -52.70
N TYR A 83 -6.45 -27.54 -51.39
CA TYR A 83 -6.17 -28.90 -50.91
C TYR A 83 -7.14 -29.51 -49.92
N TRP A 84 -6.93 -30.82 -49.71
CA TRP A 84 -7.58 -31.70 -48.76
C TRP A 84 -6.58 -32.75 -48.35
N TRP A 85 -6.56 -33.07 -47.04
CA TRP A 85 -5.75 -34.12 -46.45
C TRP A 85 -6.29 -34.49 -45.06
N PRO A 86 -6.03 -35.70 -44.51
CA PRO A 86 -6.62 -36.03 -43.20
C PRO A 86 -6.15 -35.13 -42.08
N ASN A 87 -7.12 -34.69 -41.25
CA ASN A 87 -6.93 -33.85 -40.06
C ASN A 87 -6.05 -32.62 -40.33
N MET A 88 -6.54 -31.75 -41.23
CA MET A 88 -5.87 -30.53 -41.65
C MET A 88 -5.62 -29.54 -40.50
N ARG A 89 -6.62 -29.37 -39.62
CA ARG A 89 -6.48 -28.44 -38.49
C ARG A 89 -5.41 -28.86 -37.50
N LYS A 90 -5.12 -30.18 -37.40
CA LYS A 90 -4.08 -30.70 -36.50
C LYS A 90 -2.73 -30.12 -36.96
N ASP A 91 -2.53 -30.02 -38.27
CA ASP A 91 -1.33 -29.46 -38.87
C ASP A 91 -1.29 -27.94 -38.78
N VAL A 92 -2.47 -27.27 -38.89
CA VAL A 92 -2.60 -25.81 -38.79
C VAL A 92 -2.21 -25.38 -37.38
N VAL A 93 -2.78 -26.03 -36.36
CA VAL A 93 -2.54 -25.76 -34.95
C VAL A 93 -1.09 -26.06 -34.58
N LYS A 94 -0.46 -27.07 -35.22
CA LYS A 94 0.94 -27.39 -34.97
C LYS A 94 1.78 -26.21 -35.42
N GLN A 95 1.44 -25.58 -36.57
CA GLN A 95 2.16 -24.40 -37.07
C GLN A 95 1.90 -23.15 -36.21
N LEU A 96 0.63 -22.95 -35.78
CA LEU A 96 0.25 -21.80 -34.94
C LEU A 96 1.03 -21.82 -33.62
N GLY A 97 1.20 -23.00 -33.04
CA GLY A 97 1.93 -23.20 -31.80
C GLY A 97 3.42 -22.98 -31.89
N ARG A 98 3.99 -23.00 -33.14
CA ARG A 98 5.43 -22.79 -33.43
C ARG A 98 5.74 -21.38 -33.96
N CYS A 99 4.69 -20.59 -34.28
CA CYS A 99 4.92 -19.25 -34.82
C CYS A 99 5.18 -18.25 -33.71
N GLN A 100 6.46 -17.88 -33.53
CA GLN A 100 6.90 -16.95 -32.50
C GLN A 100 6.23 -15.60 -32.64
N GLN A 101 6.10 -15.08 -33.88
CA GLN A 101 5.44 -13.78 -34.15
C GLN A 101 3.99 -13.77 -33.70
N CYS A 102 3.25 -14.88 -33.91
CA CYS A 102 1.86 -14.92 -33.47
C CYS A 102 1.75 -15.03 -31.97
N LEU A 103 2.58 -15.89 -31.36
CA LEU A 103 2.55 -16.11 -29.91
C LEU A 103 2.84 -14.84 -29.12
N ILE A 104 3.79 -14.01 -29.57
CA ILE A 104 4.15 -12.81 -28.83
C ILE A 104 3.28 -11.58 -29.19
N THR A 105 2.59 -11.57 -30.35
CA THR A 105 1.75 -10.45 -30.80
C THR A 105 0.25 -10.63 -30.51
N ASN A 106 -0.31 -11.81 -30.70
CA ASN A 106 -1.72 -12.01 -30.45
C ASN A 106 -2.13 -11.75 -29.00
N ALA A 107 -3.39 -11.38 -28.80
CA ALA A 107 -3.96 -11.10 -27.49
C ALA A 107 -4.50 -12.41 -26.94
N SER A 108 -4.73 -12.50 -25.64
CA SER A 108 -5.28 -13.67 -24.99
C SER A 108 -6.79 -13.60 -25.16
N ASN A 109 -7.49 -14.72 -25.02
CA ASN A 109 -8.94 -14.74 -25.07
C ASN A 109 -9.44 -15.54 -23.89
N LYS A 110 -8.63 -15.61 -22.83
CA LYS A 110 -8.95 -16.30 -21.59
C LYS A 110 -8.72 -15.30 -20.47
N ALA A 111 -9.74 -15.04 -19.66
CA ALA A 111 -9.66 -14.09 -18.56
C ALA A 111 -8.89 -14.69 -17.37
N SER A 112 -8.35 -13.86 -16.45
CA SER A 112 -7.65 -14.36 -15.27
C SER A 112 -8.71 -14.93 -14.32
N GLY A 113 -8.29 -15.80 -13.40
CA GLY A 113 -9.18 -16.38 -12.41
C GLY A 113 -9.67 -15.30 -11.46
N PRO A 114 -10.74 -15.58 -10.68
CA PRO A 114 -11.29 -14.55 -9.76
C PRO A 114 -10.31 -14.04 -8.72
N ILE A 115 -10.36 -12.74 -8.40
CA ILE A 115 -9.48 -12.08 -7.44
C ILE A 115 -9.55 -12.68 -6.04
N LEU A 116 -8.50 -12.50 -5.25
CA LEU A 116 -8.45 -12.96 -3.88
C LEU A 116 -8.85 -11.78 -3.01
N ARG A 117 -9.51 -12.01 -1.90
CA ARG A 117 -9.83 -10.90 -1.00
C ARG A 117 -8.95 -11.16 0.24
N PRO A 118 -7.66 -10.75 0.23
CA PRO A 118 -6.78 -11.07 1.37
C PRO A 118 -7.38 -10.66 2.69
N ASP A 119 -7.13 -11.46 3.74
CA ASP A 119 -7.64 -11.17 5.08
C ASP A 119 -7.24 -9.78 5.55
N ARG A 120 -8.16 -9.10 6.24
CA ARG A 120 -7.91 -7.77 6.78
C ARG A 120 -6.89 -7.93 7.92
N PRO A 121 -5.80 -7.12 7.95
CA PRO A 121 -4.84 -7.22 9.07
C PRO A 121 -5.59 -7.20 10.39
N GLN A 122 -5.19 -8.05 11.33
CA GLN A 122 -5.91 -8.19 12.60
C GLN A 122 -5.91 -6.95 13.50
N LYS A 123 -4.77 -6.26 13.59
CA LYS A 123 -4.65 -5.12 14.46
C LYS A 123 -4.14 -3.87 13.75
N PRO A 124 -4.43 -2.65 14.28
CA PRO A 124 -3.83 -1.46 13.69
C PRO A 124 -2.32 -1.63 13.81
N PHE A 125 -1.56 -1.12 12.84
CA PHE A 125 -0.08 -1.15 12.76
C PHE A 125 0.48 -2.51 12.34
N ASP A 126 -0.39 -3.51 12.06
CA ASP A 126 0.13 -4.80 11.58
C ASP A 126 0.69 -4.62 10.19
N LYS A 127 -0.02 -3.83 9.33
CA LYS A 127 0.39 -3.59 7.95
C LYS A 127 -0.06 -2.24 7.42
N PHE A 128 0.90 -1.47 6.93
CA PHE A 128 0.69 -0.17 6.30
C PHE A 128 0.76 -0.38 4.81
N PHE A 129 -0.07 0.34 4.03
CA PHE A 129 -0.02 0.31 2.58
C PHE A 129 0.44 1.73 2.20
N ILE A 130 1.56 1.85 1.49
CA ILE A 130 2.10 3.17 1.11
C ILE A 130 2.17 3.33 -0.41
N ASP A 131 1.94 4.56 -0.88
CA ASP A 131 1.95 4.89 -2.29
C ASP A 131 2.08 6.37 -2.49
N TYR A 132 2.43 6.78 -3.71
CA TYR A 132 2.55 8.17 -4.09
C TYR A 132 1.47 8.58 -5.09
N ILE A 133 0.93 9.80 -4.92
CA ILE A 133 -0.04 10.44 -5.83
C ILE A 133 0.82 11.59 -6.45
N GLY A 134 0.76 11.76 -7.77
CA GLY A 134 1.48 12.83 -8.43
C GLY A 134 2.12 12.46 -9.74
N PRO A 135 2.67 13.45 -10.49
CA PRO A 135 2.73 14.89 -10.17
C PRO A 135 1.38 15.59 -10.26
N LEU A 136 1.17 16.49 -9.31
CA LEU A 136 -0.03 17.31 -9.17
C LEU A 136 0.36 18.75 -9.58
N PRO A 137 -0.58 19.72 -9.80
CA PRO A 137 -0.12 21.08 -10.11
C PRO A 137 0.79 21.57 -8.97
N PRO A 138 1.89 22.30 -9.22
CA PRO A 138 2.73 22.74 -8.09
C PRO A 138 1.96 23.58 -7.07
N SER A 139 2.19 23.27 -5.79
CA SER A 139 1.60 23.93 -4.65
C SER A 139 2.70 24.05 -3.60
N GLN A 140 3.22 25.28 -3.40
CA GLN A 140 4.31 25.65 -2.48
C GLN A 140 5.60 24.88 -2.76
N GLY A 141 5.81 24.53 -4.02
CA GLY A 141 6.98 23.78 -4.49
C GLY A 141 6.83 22.28 -4.39
N TYR A 142 5.65 21.82 -3.90
CA TYR A 142 5.32 20.41 -3.71
C TYR A 142 4.55 19.88 -4.91
N LEU A 143 4.89 18.66 -5.33
CA LEU A 143 4.26 18.04 -6.49
C LEU A 143 3.61 16.69 -6.20
N TYR A 144 4.08 15.99 -5.15
CA TYR A 144 3.59 14.64 -4.80
C TYR A 144 3.00 14.54 -3.40
N VAL A 145 2.23 13.47 -3.13
CA VAL A 145 1.61 13.19 -1.84
C VAL A 145 1.97 11.76 -1.50
N LEU A 146 2.58 11.52 -0.31
CA LEU A 146 2.87 10.18 0.17
C LEU A 146 1.64 9.81 0.98
N VAL A 147 0.97 8.74 0.58
CA VAL A 147 -0.23 8.24 1.25
C VAL A 147 0.12 6.98 2.04
N VAL A 148 -0.17 7.00 3.34
CA VAL A 148 0.08 5.87 4.23
C VAL A 148 -1.26 5.43 4.79
N VAL A 149 -1.73 4.22 4.41
CA VAL A 149 -3.01 3.69 4.87
C VAL A 149 -2.81 2.48 5.81
N ASP A 150 -3.30 2.54 7.04
CA ASP A 150 -3.23 1.40 7.93
C ASP A 150 -4.25 0.35 7.42
N GLY A 151 -3.78 -0.86 7.12
CA GLY A 151 -4.60 -1.94 6.61
C GLY A 151 -5.83 -2.31 7.43
N MET A 152 -5.70 -2.37 8.75
CA MET A 152 -6.86 -2.74 9.56
C MET A 152 -7.93 -1.67 9.62
N THR A 153 -7.55 -0.46 10.07
CA THR A 153 -8.44 0.66 10.27
C THR A 153 -8.81 1.48 9.04
N GLY A 154 -7.87 1.62 8.11
CA GLY A 154 -8.06 2.45 6.94
C GLY A 154 -7.59 3.86 7.24
N PHE A 155 -7.13 4.11 8.48
CA PHE A 155 -6.61 5.41 8.92
C PHE A 155 -5.41 5.76 8.06
N THR A 156 -5.47 6.96 7.45
CA THR A 156 -4.54 7.51 6.49
C THR A 156 -3.81 8.71 7.01
N TRP A 157 -2.52 8.79 6.64
CA TRP A 157 -1.61 9.89 6.93
C TRP A 157 -1.17 10.41 5.57
N LEU A 158 -1.17 11.74 5.38
CA LEU A 158 -0.81 12.40 4.11
C LEU A 158 0.40 13.31 4.28
N TYR A 159 1.36 13.19 3.35
CA TYR A 159 2.57 14.00 3.39
C TYR A 159 2.90 14.60 2.04
N PRO A 160 2.99 15.96 1.96
CA PRO A 160 3.37 16.58 0.68
C PRO A 160 4.89 16.42 0.43
N THR A 161 5.28 16.07 -0.81
CA THR A 161 6.69 15.92 -1.18
C THR A 161 7.00 16.63 -2.50
N LYS A 162 8.29 16.89 -2.75
CA LYS A 162 8.73 17.53 -3.99
C LYS A 162 9.08 16.47 -5.05
N ALA A 163 9.18 15.19 -4.62
CA ALA A 163 9.50 14.05 -5.48
C ALA A 163 9.08 12.71 -4.84
N PRO A 164 8.82 11.63 -5.64
CA PRO A 164 8.50 10.33 -5.04
C PRO A 164 9.82 9.60 -4.71
N SER A 165 10.63 10.18 -3.78
CA SER A 165 11.95 9.69 -3.41
C SER A 165 12.05 8.95 -2.08
N THR A 166 13.17 8.21 -1.89
CA THR A 166 13.44 7.50 -0.65
C THR A 166 13.60 8.55 0.44
N SER A 167 14.43 9.60 0.18
CA SER A 167 14.66 10.67 1.14
C SER A 167 13.38 11.29 1.70
N ALA A 168 12.39 11.56 0.82
CA ALA A 168 11.10 12.14 1.21
C ALA A 168 10.25 11.11 1.95
N THR A 169 10.31 9.81 1.53
CA THR A 169 9.56 8.73 2.19
C THR A 169 10.10 8.53 3.62
N VAL A 170 11.44 8.50 3.78
CA VAL A 170 12.12 8.32 5.06
C VAL A 170 11.77 9.49 6.01
N LYS A 171 11.85 10.74 5.52
CA LYS A 171 11.51 11.92 6.32
C LYS A 171 10.08 11.84 6.86
N SER A 172 9.11 11.48 5.99
CA SER A 172 7.69 11.34 6.31
C SER A 172 7.42 10.22 7.30
N LEU A 173 8.01 9.04 7.05
CA LEU A 173 7.80 7.87 7.91
C LEU A 173 8.48 8.01 9.28
N ASN A 174 9.52 8.85 9.43
CA ASN A 174 10.13 9.08 10.73
C ASN A 174 9.20 9.92 11.59
N VAL A 175 8.39 10.81 10.96
CA VAL A 175 7.41 11.64 11.67
C VAL A 175 6.24 10.71 12.11
N LEU A 176 5.75 9.86 11.19
CA LEU A 176 4.66 8.92 11.42
C LEU A 176 5.01 7.90 12.50
N THR A 177 6.19 7.22 12.37
CA THR A 177 6.66 6.18 13.30
C THR A 177 6.98 6.69 14.73
N SER A 178 6.78 7.99 15.01
CA SER A 178 6.93 8.57 16.34
C SER A 178 5.72 8.10 17.14
N ILE A 179 4.59 7.81 16.43
CA ILE A 179 3.32 7.38 17.03
C ILE A 179 3.37 5.90 17.34
N ALA A 180 3.72 5.07 16.36
CA ALA A 180 3.83 3.62 16.50
C ALA A 180 4.59 3.07 15.32
N ILE A 181 5.21 1.88 15.48
CA ILE A 181 5.97 1.23 14.41
C ILE A 181 5.15 0.07 13.82
N PRO A 182 5.02 -0.03 12.46
CA PRO A 182 4.26 -1.14 11.88
C PRO A 182 5.08 -2.43 11.78
N LYS A 183 4.43 -3.62 11.71
CA LYS A 183 5.16 -4.88 11.54
C LYS A 183 5.64 -4.92 10.09
N VAL A 184 4.72 -4.66 9.14
CA VAL A 184 4.95 -4.68 7.70
C VAL A 184 4.58 -3.33 7.03
N ILE A 185 5.28 -3.00 5.95
CA ILE A 185 5.01 -1.87 5.08
C ILE A 185 4.89 -2.51 3.68
N HIS A 186 3.67 -2.47 3.08
CA HIS A 186 3.44 -3.02 1.75
C HIS A 186 3.46 -1.86 0.77
N SER A 187 4.21 -2.02 -0.31
CA SER A 187 4.28 -1.01 -1.35
C SER A 187 4.50 -1.66 -2.70
N ASP A 188 4.36 -0.87 -3.78
CA ASP A 188 4.61 -1.33 -5.15
C ASP A 188 6.14 -1.27 -5.35
N GLN A 189 6.63 -1.59 -6.55
CA GLN A 189 8.07 -1.61 -6.80
C GLN A 189 8.61 -0.28 -7.37
N GLY A 190 8.11 0.83 -6.82
CA GLY A 190 8.60 2.13 -7.19
C GLY A 190 9.97 2.40 -6.62
N ALA A 191 10.82 3.13 -7.39
CA ALA A 191 12.19 3.50 -7.02
C ALA A 191 12.33 3.95 -5.55
N ALA A 192 11.40 4.76 -5.03
CA ALA A 192 11.44 5.24 -3.65
C ALA A 192 11.47 4.15 -2.57
N PHE A 193 10.80 3.01 -2.83
CA PHE A 193 10.63 1.92 -1.88
C PHE A 193 11.52 0.71 -2.07
N THR A 194 12.10 0.52 -3.27
CA THR A 194 12.95 -0.64 -3.57
C THR A 194 14.44 -0.34 -3.36
N SER A 195 14.77 0.92 -3.04
CA SER A 195 16.15 1.36 -2.81
C SER A 195 16.75 0.70 -1.57
N SER A 196 18.07 0.45 -1.60
CA SER A 196 18.83 -0.17 -0.49
C SER A 196 18.73 0.67 0.80
N THR A 197 18.66 2.03 0.65
CA THR A 197 18.53 3.03 1.72
C THR A 197 17.20 2.85 2.46
N PHE A 198 16.13 2.48 1.73
CA PHE A 198 14.81 2.26 2.32
C PHE A 198 14.81 0.91 3.07
N ALA A 199 15.40 -0.14 2.45
CA ALA A 199 15.52 -1.48 3.05
C ALA A 199 16.25 -1.38 4.42
N GLU A 200 17.36 -0.59 4.44
CA GLU A 200 18.25 -0.28 5.58
C GLU A 200 17.45 0.47 6.65
N TRP A 201 16.62 1.45 6.23
CA TRP A 201 15.76 2.23 7.12
C TRP A 201 14.75 1.31 7.86
N ALA A 202 14.17 0.33 7.15
CA ALA A 202 13.20 -0.62 7.70
C ALA A 202 13.85 -1.64 8.63
N LYS A 203 15.03 -2.21 8.22
CA LYS A 203 15.80 -3.20 9.00
C LYS A 203 16.14 -2.60 10.36
N GLU A 204 16.67 -1.35 10.37
CA GLU A 204 17.00 -0.57 11.57
C GLU A 204 15.83 -0.55 12.57
N ARG A 205 14.56 -0.60 12.07
CA ARG A 205 13.36 -0.51 12.89
C ARG A 205 12.58 -1.80 13.07
N GLY A 206 13.02 -2.88 12.44
CA GLY A 206 12.35 -4.17 12.56
C GLY A 206 11.09 -4.30 11.71
N ILE A 207 10.98 -3.43 10.68
CA ILE A 207 9.84 -3.41 9.78
C ILE A 207 10.14 -4.30 8.59
N HIS A 208 9.21 -5.20 8.25
CA HIS A 208 9.37 -6.05 7.07
C HIS A 208 8.78 -5.36 5.83
N LEU A 209 9.54 -5.29 4.74
CA LEU A 209 9.07 -4.71 3.48
C LEU A 209 8.47 -5.81 2.61
N GLU A 210 7.24 -5.57 2.16
CA GLU A 210 6.48 -6.48 1.33
C GLU A 210 6.24 -5.71 0.04
N PHE A 211 6.47 -6.35 -1.10
CA PHE A 211 6.30 -5.68 -2.40
C PHE A 211 5.25 -6.32 -3.27
N SER A 212 4.46 -5.50 -3.98
CA SER A 212 3.43 -6.01 -4.90
C SER A 212 4.17 -6.63 -6.06
N THR A 213 3.48 -7.50 -6.82
CA THR A 213 4.03 -8.09 -8.03
C THR A 213 4.21 -6.91 -9.00
N PRO A 214 5.09 -6.97 -10.03
CA PRO A 214 5.26 -5.78 -10.88
C PRO A 214 4.01 -5.39 -11.65
N TYR A 215 3.86 -4.07 -11.89
CA TYR A 215 2.77 -3.49 -12.70
C TYR A 215 1.37 -4.10 -12.43
N HIS A 216 0.97 -4.12 -11.13
CA HIS A 216 -0.29 -4.64 -10.63
C HIS A 216 -0.78 -3.77 -9.45
N PRO A 217 -1.28 -2.53 -9.72
CA PRO A 217 -1.69 -1.66 -8.61
C PRO A 217 -2.82 -2.18 -7.73
N GLN A 218 -3.57 -3.18 -8.19
CA GLN A 218 -4.65 -3.82 -7.43
C GLN A 218 -4.10 -4.45 -6.13
N SER A 219 -2.82 -4.89 -6.15
CA SER A 219 -2.10 -5.50 -5.03
C SER A 219 -1.94 -4.52 -3.90
N SER A 220 -1.84 -3.21 -4.25
CA SER A 220 -1.77 -2.08 -3.34
C SER A 220 -3.19 -1.42 -3.23
N GLY A 221 -4.24 -2.14 -3.63
CA GLY A 221 -5.64 -1.72 -3.66
C GLY A 221 -6.15 -0.92 -2.48
N LYS A 222 -5.68 -1.27 -1.26
CA LYS A 222 -6.07 -0.60 -0.04
C LYS A 222 -5.69 0.85 -0.11
N VAL A 223 -4.44 1.17 -0.47
CA VAL A 223 -3.99 2.56 -0.59
C VAL A 223 -4.49 3.18 -1.90
N GLU A 224 -4.51 2.44 -3.03
CA GLU A 224 -4.98 2.96 -4.31
C GLU A 224 -6.33 3.53 -4.17
N ARG A 225 -7.22 2.78 -3.49
CA ARG A 225 -8.58 3.20 -3.27
C ARG A 225 -8.68 4.44 -2.42
N LYS A 226 -7.72 4.69 -1.53
CA LYS A 226 -7.77 5.88 -0.71
C LYS A 226 -7.33 7.08 -1.55
N ASN A 227 -6.42 6.85 -2.53
CA ASN A 227 -5.93 7.86 -3.45
C ASN A 227 -7.12 8.48 -4.20
N SER A 228 -8.12 7.63 -4.56
CA SER A 228 -9.34 8.02 -5.26
C SER A 228 -10.12 9.00 -4.39
N ASP A 229 -10.33 8.64 -3.11
CA ASP A 229 -11.06 9.48 -2.17
C ASP A 229 -10.35 10.80 -1.89
N ILE A 230 -9.00 10.77 -1.78
CA ILE A 230 -8.17 11.97 -1.53
C ILE A 230 -8.33 12.93 -2.71
N LYS A 231 -8.17 12.44 -3.93
CA LYS A 231 -8.28 13.24 -5.14
C LYS A 231 -9.69 13.76 -5.35
N ARG A 232 -10.72 12.95 -5.02
CA ARG A 232 -12.12 13.34 -5.17
C ARG A 232 -12.44 14.53 -4.28
N LEU A 233 -12.03 14.50 -2.99
CA LEU A 233 -12.25 15.57 -2.00
C LEU A 233 -11.47 16.82 -2.34
N LEU A 234 -10.18 16.66 -2.77
CA LEU A 234 -9.34 17.77 -3.21
C LEU A 234 -10.03 18.46 -4.41
N THR A 235 -10.53 17.66 -5.36
CA THR A 235 -11.22 18.18 -6.53
C THR A 235 -12.41 19.05 -6.09
N LYS A 236 -13.29 18.53 -5.18
CA LYS A 236 -14.49 19.21 -4.68
C LYS A 236 -14.20 20.53 -3.96
N LEU A 237 -13.17 20.52 -3.12
CA LEU A 237 -12.77 21.67 -2.35
C LEU A 237 -12.11 22.76 -3.19
N LEU A 238 -11.62 22.41 -4.36
CA LEU A 238 -10.91 23.34 -5.24
C LEU A 238 -11.76 23.80 -6.44
N VAL A 239 -13.06 23.43 -6.49
CA VAL A 239 -13.95 23.84 -7.58
C VAL A 239 -13.95 25.37 -7.65
N GLY A 240 -13.74 25.92 -8.85
CA GLY A 240 -13.70 27.36 -9.11
C GLY A 240 -12.69 28.13 -8.30
N ARG A 241 -11.57 27.49 -7.95
CA ARG A 241 -10.48 28.07 -7.17
C ARG A 241 -9.18 27.56 -7.75
N PRO A 242 -8.05 28.28 -7.56
CA PRO A 242 -6.76 27.74 -8.04
C PRO A 242 -6.43 26.47 -7.24
N THR A 243 -5.76 25.50 -7.89
CA THR A 243 -5.42 24.20 -7.30
C THR A 243 -4.30 24.25 -6.24
N LYS A 244 -4.56 24.99 -5.14
CA LYS A 244 -3.66 25.14 -3.99
C LYS A 244 -4.01 24.02 -2.98
N TRP A 245 -3.59 22.79 -3.30
CA TRP A 245 -3.87 21.61 -2.51
C TRP A 245 -3.03 21.43 -1.24
N TYR A 246 -1.82 21.99 -1.18
CA TYR A 246 -0.90 21.88 -0.05
C TYR A 246 -1.57 22.11 1.31
N ASP A 247 -2.26 23.25 1.46
CA ASP A 247 -2.92 23.63 2.70
C ASP A 247 -4.15 22.80 3.01
N LEU A 248 -4.70 22.10 2.01
CA LEU A 248 -5.88 21.25 2.16
C LEU A 248 -5.55 19.82 2.63
N LEU A 249 -4.28 19.33 2.43
CA LEU A 249 -3.87 17.99 2.87
C LEU A 249 -4.26 17.66 4.30
N PRO A 250 -3.97 18.54 5.32
CA PRO A 250 -4.39 18.25 6.70
C PRO A 250 -5.90 18.16 6.86
N VAL A 251 -6.65 19.00 6.12
CA VAL A 251 -8.12 19.05 6.13
C VAL A 251 -8.68 17.73 5.55
N VAL A 252 -8.12 17.29 4.40
CA VAL A 252 -8.54 16.07 3.70
C VAL A 252 -8.27 14.86 4.58
N GLN A 253 -7.06 14.80 5.20
CA GLN A 253 -6.68 13.71 6.11
C GLN A 253 -7.72 13.57 7.23
N LEU A 254 -7.96 14.66 7.96
CA LEU A 254 -8.91 14.64 9.06
C LEU A 254 -10.32 14.29 8.60
N ALA A 255 -10.78 14.86 7.46
CA ALA A 255 -12.12 14.62 6.90
C ALA A 255 -12.33 13.16 6.58
N LEU A 256 -11.41 12.54 5.78
CA LEU A 256 -11.47 11.12 5.39
C LEU A 256 -11.35 10.15 6.56
N ASN A 257 -10.47 10.42 7.53
CA ASN A 257 -10.26 9.55 8.70
C ASN A 257 -11.48 9.51 9.59
N ASN A 258 -12.37 10.50 9.46
CA ASN A 258 -13.59 10.64 10.23
C ASN A 258 -14.86 10.43 9.38
N THR A 259 -14.74 9.77 8.22
CA THR A 259 -15.83 9.46 7.29
C THR A 259 -16.26 8.01 7.48
N TYR A 260 -17.58 7.81 7.60
CA TYR A 260 -18.14 6.48 7.78
C TYR A 260 -18.04 5.65 6.54
N SER A 261 -17.73 4.37 6.70
CA SER A 261 -17.76 3.46 5.57
C SER A 261 -19.16 2.89 5.72
N PRO A 262 -20.10 3.14 4.77
CA PRO A 262 -21.47 2.62 4.95
C PRO A 262 -21.58 1.10 5.17
N VAL A 263 -20.64 0.30 4.63
CA VAL A 263 -20.68 -1.16 4.82
C VAL A 263 -20.24 -1.57 6.24
N LEU A 264 -19.24 -0.87 6.82
CA LEU A 264 -18.72 -1.16 8.16
C LEU A 264 -19.51 -0.47 9.24
N LYS A 265 -20.03 0.74 8.97
CA LYS A 265 -20.77 1.56 9.94
C LYS A 265 -19.82 2.10 11.04
N TYR A 266 -18.55 2.31 10.65
CA TYR A 266 -17.45 2.83 11.46
C TYR A 266 -16.57 3.67 10.57
N THR A 267 -15.87 4.63 11.20
CA THR A 267 -14.92 5.54 10.55
C THR A 267 -13.51 5.01 10.88
N PRO A 268 -12.48 5.29 10.05
CA PRO A 268 -11.12 4.82 10.38
C PRO A 268 -10.64 5.26 11.79
N HIS A 269 -11.05 6.46 12.24
CA HIS A 269 -10.71 7.00 13.56
C HIS A 269 -11.26 6.07 14.64
N GLN A 270 -12.57 5.75 14.57
CA GLN A 270 -13.26 4.85 15.50
C GLN A 270 -12.59 3.47 15.55
N LEU A 271 -12.15 2.93 14.41
CA LEU A 271 -11.46 1.63 14.38
C LEU A 271 -10.07 1.70 15.01
N LEU A 272 -9.43 2.88 15.00
CA LEU A 272 -8.11 3.05 15.56
C LEU A 272 -8.10 3.34 17.06
N PHE A 273 -9.01 4.22 17.53
CA PHE A 273 -9.10 4.67 18.91
C PHE A 273 -10.35 4.20 19.71
N GLY A 274 -11.38 3.70 19.04
CA GLY A 274 -12.61 3.27 19.71
C GLY A 274 -13.43 4.40 20.31
N ILE A 275 -13.04 5.65 20.04
CA ILE A 275 -13.70 6.86 20.54
C ILE A 275 -13.43 8.02 19.60
N ASP A 276 -14.45 8.86 19.35
CA ASP A 276 -14.30 10.02 18.50
C ASP A 276 -13.62 11.14 19.28
N SER A 277 -12.79 11.94 18.59
CA SER A 277 -12.13 13.07 19.22
C SER A 277 -13.12 14.24 19.10
N ASN A 278 -12.71 15.45 19.47
CA ASN A 278 -13.57 16.62 19.39
C ASN A 278 -13.77 17.10 17.93
N THR A 279 -14.47 16.30 17.11
CA THR A 279 -14.75 16.68 15.72
C THR A 279 -16.29 16.87 15.59
N PRO A 280 -16.82 17.52 14.52
CA PRO A 280 -18.27 17.65 14.42
C PRO A 280 -18.96 16.29 14.33
N PHE A 281 -20.14 16.18 14.95
CA PHE A 281 -20.98 14.97 14.96
C PHE A 281 -20.28 13.78 15.58
N ALA A 282 -19.52 14.02 16.65
CA ALA A 282 -18.83 12.95 17.36
C ALA A 282 -19.88 12.00 17.97
N ASN A 283 -19.63 10.69 17.87
CA ASN A 283 -20.51 9.68 18.43
C ASN A 283 -20.34 9.69 19.96
N GLN A 284 -21.47 9.67 20.70
CA GLN A 284 -21.51 9.72 22.17
C GLN A 284 -22.05 8.41 22.80
N ASP A 285 -22.11 7.31 22.04
CA ASP A 285 -22.66 6.04 22.51
C ASP A 285 -21.87 5.29 23.62
N THR A 286 -20.60 5.64 23.89
CA THR A 286 -19.83 4.95 24.92
C THR A 286 -19.49 5.86 26.06
N LEU A 287 -20.26 6.96 26.21
CA LEU A 287 -20.06 7.98 27.23
C LEU A 287 -20.05 7.46 28.66
N ASP A 288 -20.92 6.48 28.97
CA ASP A 288 -21.02 5.95 30.32
C ASP A 288 -20.11 4.72 30.56
N LEU A 289 -19.41 4.25 29.51
CA LEU A 289 -18.49 3.13 29.63
C LEU A 289 -17.15 3.63 30.09
N THR A 290 -16.34 2.76 30.70
CA THR A 290 -15.00 3.14 31.14
C THR A 290 -14.09 2.93 29.92
N ARG A 291 -12.87 3.45 29.95
CA ARG A 291 -11.97 3.22 28.82
C ARG A 291 -11.78 1.72 28.56
N GLU A 292 -11.69 0.90 29.64
CA GLU A 292 -11.54 -0.56 29.55
C GLU A 292 -12.76 -1.21 28.90
N GLU A 293 -13.97 -0.77 29.27
CA GLU A 293 -15.20 -1.29 28.69
C GLU A 293 -15.28 -0.92 27.20
N GLU A 294 -14.86 0.31 26.89
CA GLU A 294 -14.80 0.90 25.54
C GLU A 294 -13.78 0.11 24.68
N LEU A 295 -12.58 -0.19 25.25
CA LEU A 295 -11.54 -0.95 24.55
C LEU A 295 -11.92 -2.41 24.31
N SER A 296 -12.80 -2.95 25.17
CA SER A 296 -13.29 -4.32 25.10
C SER A 296 -14.25 -4.41 23.95
N LEU A 297 -15.14 -3.41 23.82
CA LEU A 297 -16.12 -3.31 22.73
C LEU A 297 -15.38 -3.08 21.38
N LEU A 298 -14.29 -2.27 21.39
CA LEU A 298 -13.48 -2.00 20.20
C LEU A 298 -12.82 -3.28 19.70
N GLN A 299 -12.35 -4.14 20.64
CA GLN A 299 -11.72 -5.42 20.32
C GLN A 299 -12.74 -6.34 19.65
N GLU A 300 -14.01 -6.25 20.08
CA GLU A 300 -15.12 -7.02 19.50
C GLU A 300 -15.52 -6.50 18.11
N ILE A 301 -15.60 -5.17 17.93
CA ILE A 301 -15.94 -4.51 16.66
C ILE A 301 -14.91 -4.87 15.58
N ARG A 302 -13.60 -4.80 15.92
CA ARG A 302 -12.47 -5.09 15.06
C ARG A 302 -12.48 -6.55 14.55
N THR A 303 -13.05 -7.49 15.32
CA THR A 303 -13.09 -8.89 14.90
C THR A 303 -14.29 -9.22 14.03
N SER A 304 -15.42 -8.52 14.22
CA SER A 304 -16.64 -8.80 13.49
C SER A 304 -16.90 -7.96 12.21
N LEU A 305 -15.87 -7.26 11.68
CA LEU A 305 -16.04 -6.46 10.47
C LEU A 305 -16.31 -7.35 9.26
N TYR A 306 -17.10 -6.83 8.32
CA TYR A 306 -17.47 -7.53 7.11
C TYR A 306 -16.26 -7.79 6.26
N HIS A 307 -16.19 -8.99 5.71
CA HIS A 307 -15.12 -9.34 4.82
C HIS A 307 -15.68 -9.90 3.51
N PRO A 308 -15.29 -9.33 2.36
CA PRO A 308 -15.80 -9.85 1.08
C PRO A 308 -15.15 -11.18 0.70
N SER A 309 -15.82 -11.99 -0.11
CA SER A 309 -15.21 -13.26 -0.52
C SER A 309 -14.94 -13.20 -2.02
N THR A 310 -14.00 -14.05 -2.52
CA THR A 310 -13.65 -14.11 -3.94
C THR A 310 -14.93 -14.23 -4.81
N PRO A 311 -15.03 -13.42 -5.89
CA PRO A 311 -16.23 -13.47 -6.72
C PRO A 311 -16.28 -14.69 -7.65
N PRO A 312 -17.41 -14.97 -8.32
CA PRO A 312 -17.42 -16.12 -9.24
C PRO A 312 -16.46 -15.95 -10.41
N ALA A 313 -15.84 -17.07 -10.84
CA ALA A 313 -14.92 -17.09 -11.98
C ALA A 313 -15.73 -16.74 -13.23
N SER A 314 -15.12 -16.09 -14.22
CA SER A 314 -15.89 -15.79 -15.43
C SER A 314 -16.03 -17.08 -16.27
N SER A 315 -16.88 -17.04 -17.31
CA SER A 315 -17.14 -18.22 -18.17
C SER A 315 -15.85 -18.86 -18.72
N ARG A 316 -14.88 -18.02 -19.12
CA ARG A 316 -13.65 -18.51 -19.71
C ARG A 316 -12.40 -17.99 -19.06
N SER A 317 -12.20 -18.35 -17.78
CA SER A 317 -11.03 -17.96 -17.00
C SER A 317 -9.97 -19.07 -17.05
N TRP A 318 -8.76 -18.76 -16.58
CA TRP A 318 -7.66 -19.71 -16.53
C TRP A 318 -6.96 -19.53 -15.20
N SER A 319 -6.56 -20.63 -14.58
CA SER A 319 -5.83 -20.60 -13.31
C SER A 319 -4.52 -21.31 -13.55
N PRO A 320 -3.38 -20.75 -13.06
CA PRO A 320 -2.05 -21.36 -13.33
C PRO A 320 -1.80 -22.77 -12.75
N VAL A 321 -0.93 -23.52 -13.45
CA VAL A 321 -0.53 -24.90 -13.17
C VAL A 321 1.00 -25.00 -13.35
N VAL A 322 1.69 -25.65 -12.38
CA VAL A 322 3.14 -25.84 -12.44
C VAL A 322 3.51 -26.57 -13.75
N GLY A 323 4.52 -26.06 -14.45
CA GLY A 323 4.97 -26.62 -15.72
C GLY A 323 4.37 -25.97 -16.95
N GLN A 324 3.21 -25.27 -16.77
CA GLN A 324 2.47 -24.58 -17.82
C GLN A 324 3.28 -23.50 -18.49
N LEU A 325 3.15 -23.45 -19.83
CA LEU A 325 3.80 -22.46 -20.69
C LEU A 325 2.87 -21.23 -20.62
N VAL A 326 3.45 -20.13 -20.21
CA VAL A 326 2.77 -18.89 -19.92
C VAL A 326 3.59 -17.72 -20.47
N GLN A 327 2.97 -16.56 -20.74
CA GLN A 327 3.70 -15.40 -21.29
C GLN A 327 3.49 -14.12 -20.51
N GLU A 328 4.58 -13.47 -20.12
CA GLU A 328 4.49 -12.23 -19.35
C GLU A 328 4.21 -11.06 -20.31
N ARG A 329 3.40 -10.11 -19.86
CA ARG A 329 3.01 -8.93 -20.61
C ARG A 329 4.17 -7.96 -20.66
N VAL A 330 4.46 -7.38 -21.84
CA VAL A 330 5.54 -6.38 -21.96
C VAL A 330 5.06 -5.11 -21.21
N ALA A 331 5.86 -4.65 -20.24
CA ALA A 331 5.55 -3.48 -19.42
C ALA A 331 5.26 -2.19 -20.20
N ARG A 332 6.22 -1.67 -20.98
CA ARG A 332 6.02 -0.43 -21.76
C ARG A 332 6.33 -0.78 -23.23
N PRO A 333 5.39 -1.44 -23.93
CA PRO A 333 5.68 -1.86 -25.31
C PRO A 333 5.78 -0.70 -26.27
N ALA A 334 6.85 -0.67 -27.05
CA ALA A 334 7.07 0.39 -28.02
C ALA A 334 6.11 0.22 -29.19
N SER A 335 5.98 1.29 -29.98
CA SER A 335 5.13 1.34 -31.15
C SER A 335 5.50 0.22 -32.11
N LEU A 336 4.50 -0.54 -32.58
CA LEU A 336 4.63 -1.64 -33.53
C LEU A 336 5.50 -2.80 -33.02
N ARG A 337 5.53 -2.97 -31.69
CA ARG A 337 6.30 -4.03 -31.02
C ARG A 337 5.37 -4.95 -30.25
N PRO A 338 5.68 -6.27 -30.13
CA PRO A 338 4.78 -7.18 -29.39
C PRO A 338 4.44 -6.78 -27.95
N ARG A 339 3.22 -7.13 -27.53
CA ARG A 339 2.71 -6.85 -26.18
C ARG A 339 3.05 -7.98 -25.21
N TRP A 340 3.60 -9.07 -25.73
CA TRP A 340 3.95 -10.22 -24.89
C TRP A 340 5.38 -10.65 -25.03
N HIS A 341 5.94 -11.14 -23.93
CA HIS A 341 7.28 -11.72 -23.91
C HIS A 341 7.17 -13.15 -24.45
N LYS A 342 8.33 -13.78 -24.73
CA LYS A 342 8.40 -15.17 -25.21
C LYS A 342 7.90 -16.10 -24.10
N PRO A 343 7.39 -17.31 -24.42
CA PRO A 343 6.94 -18.22 -23.34
C PRO A 343 7.98 -18.47 -22.19
N SER A 344 7.43 -18.70 -20.98
CA SER A 344 8.11 -18.98 -19.71
C SER A 344 7.39 -20.15 -19.11
N THR A 345 7.95 -20.73 -18.05
CA THR A 345 7.33 -21.89 -17.41
C THR A 345 7.01 -21.48 -15.99
N VAL A 346 5.89 -21.98 -15.47
CA VAL A 346 5.43 -21.74 -14.10
C VAL A 346 6.18 -22.70 -13.16
N LEU A 347 7.10 -22.15 -12.32
CA LEU A 347 7.89 -22.90 -11.33
C LEU A 347 7.07 -23.20 -10.08
N LYS A 348 6.47 -22.17 -9.47
CA LYS A 348 5.67 -22.34 -8.25
C LYS A 348 4.41 -21.51 -8.37
N VAL A 349 3.30 -22.06 -7.87
CA VAL A 349 1.99 -21.42 -7.84
C VAL A 349 1.84 -20.96 -6.38
N LEU A 350 2.26 -19.71 -6.07
CA LEU A 350 2.19 -19.13 -4.72
C LEU A 350 0.78 -19.14 -4.16
N ASN A 351 -0.20 -18.83 -5.03
CA ASN A 351 -1.66 -18.81 -4.76
C ASN A 351 -2.33 -18.80 -6.14
N PRO A 352 -3.66 -18.94 -6.31
CA PRO A 352 -4.20 -18.98 -7.69
C PRO A 352 -4.03 -17.69 -8.53
N ARG A 353 -3.58 -16.58 -7.92
CA ARG A 353 -3.41 -15.29 -8.61
C ARG A 353 -1.97 -14.82 -8.71
N THR A 354 -1.04 -15.50 -8.02
CA THR A 354 0.40 -15.16 -7.97
C THR A 354 1.19 -16.39 -8.32
N VAL A 355 2.23 -16.19 -9.13
CA VAL A 355 3.04 -17.27 -9.62
C VAL A 355 4.52 -16.90 -9.76
N VAL A 356 5.40 -17.93 -9.72
CA VAL A 356 6.84 -17.76 -9.90
C VAL A 356 7.10 -18.36 -11.30
N ILE A 357 7.74 -17.58 -12.16
CA ILE A 357 8.05 -17.99 -13.53
C ILE A 357 9.55 -17.95 -13.80
N LEU A 358 9.97 -18.73 -14.80
CA LEU A 358 11.33 -18.79 -15.27
C LEU A 358 11.25 -18.46 -16.75
N ASP A 359 11.74 -17.29 -17.16
CA ASP A 359 11.73 -16.90 -18.57
C ASP A 359 12.82 -17.68 -19.40
N HIS A 360 13.15 -17.23 -20.63
CA HIS A 360 14.19 -17.91 -21.43
C HIS A 360 15.60 -17.49 -20.95
N LEU A 361 15.71 -16.30 -20.29
CA LEU A 361 16.96 -15.72 -19.73
C LEU A 361 17.45 -16.61 -18.58
N GLY A 362 16.53 -16.99 -17.69
CA GLY A 362 16.81 -17.84 -16.53
C GLY A 362 16.55 -17.17 -15.20
N ASN A 363 15.88 -16.01 -15.21
CA ASN A 363 15.55 -15.27 -14.00
C ASN A 363 14.22 -15.72 -13.42
N ASN A 364 14.14 -15.75 -12.09
CA ASN A 364 12.93 -16.11 -11.35
C ASN A 364 12.19 -14.84 -11.11
N ARG A 365 10.93 -14.77 -11.57
CA ARG A 365 10.08 -13.60 -11.41
C ARG A 365 8.78 -13.97 -10.75
N THR A 366 8.40 -13.23 -9.71
CA THR A 366 7.12 -13.43 -9.02
C THR A 366 6.16 -12.44 -9.71
N VAL A 367 5.15 -12.96 -10.42
CA VAL A 367 4.23 -12.12 -11.18
C VAL A 367 2.77 -12.43 -10.89
N SER A 368 1.89 -11.44 -11.18
CA SER A 368 0.44 -11.56 -11.04
C SER A 368 -0.08 -12.27 -12.29
N ILE A 369 -1.15 -13.08 -12.18
CA ILE A 369 -1.69 -13.77 -13.35
C ILE A 369 -2.37 -12.77 -14.33
N ASP A 370 -2.68 -11.53 -13.87
CA ASP A 370 -3.25 -10.47 -14.69
C ASP A 370 -2.22 -10.01 -15.73
N ASN A 371 -0.91 -10.19 -15.44
CA ASN A 371 0.17 -9.83 -16.34
C ASN A 371 0.72 -11.03 -17.08
N LEU A 372 -0.08 -12.12 -17.17
CA LEU A 372 0.28 -13.35 -17.89
C LEU A 372 -0.84 -13.87 -18.79
N LYS A 373 -0.47 -14.55 -19.87
CA LYS A 373 -1.45 -15.22 -20.73
C LYS A 373 -0.97 -16.68 -20.86
N PRO A 374 -1.85 -17.69 -20.90
CA PRO A 374 -1.33 -19.05 -21.12
C PRO A 374 -0.96 -19.18 -22.61
N THR A 375 0.23 -19.70 -22.92
CA THR A 375 0.66 -19.89 -24.32
C THR A 375 -0.35 -20.78 -25.06
N SER A 376 -0.79 -20.32 -26.23
CA SER A 376 -1.78 -21.02 -27.05
C SER A 376 -1.24 -22.22 -27.75
N HIS A 377 -2.16 -23.18 -28.05
CA HIS A 377 -1.88 -24.41 -28.81
C HIS A 377 -0.84 -25.31 -28.12
N GLN A 378 -0.86 -25.34 -26.76
CA GLN A 378 0.05 -26.10 -25.88
C GLN A 378 1.51 -25.71 -26.12
N ASP B 119 -20.97 11.57 37.29
CA ASP B 119 -19.93 12.00 36.37
C ASP B 119 -19.40 10.87 35.48
N ARG B 120 -19.27 11.17 34.17
CA ARG B 120 -18.80 10.26 33.10
C ARG B 120 -17.30 9.90 33.26
N PRO B 121 -16.89 8.66 32.90
CA PRO B 121 -15.46 8.29 33.01
C PRO B 121 -14.49 9.07 32.10
N GLN B 122 -13.24 9.23 32.56
CA GLN B 122 -12.16 9.92 31.84
C GLN B 122 -11.87 9.22 30.49
N LYS B 123 -11.72 10.00 29.39
CA LYS B 123 -11.50 9.44 28.06
C LYS B 123 -10.32 10.06 27.28
N PRO B 124 -9.72 9.36 26.28
CA PRO B 124 -8.65 10.01 25.49
C PRO B 124 -9.30 11.18 24.72
N PHE B 125 -8.54 12.28 24.48
CA PHE B 125 -8.97 13.50 23.76
C PHE B 125 -9.88 14.42 24.60
N ASP B 126 -10.05 14.13 25.90
CA ASP B 126 -10.86 14.96 26.80
C ASP B 126 -10.09 16.21 27.19
N LYS B 127 -8.77 16.05 27.38
CA LYS B 127 -7.87 17.11 27.79
C LYS B 127 -6.44 16.84 27.30
N PHE B 128 -5.83 17.82 26.64
CA PHE B 128 -4.44 17.73 26.20
C PHE B 128 -3.70 18.76 27.05
N PHE B 129 -2.58 18.35 27.65
CA PHE B 129 -1.77 19.22 28.47
C PHE B 129 -0.58 19.60 27.60
N ILE B 130 -0.43 20.90 27.33
CA ILE B 130 0.65 21.41 26.49
C ILE B 130 1.61 22.27 27.30
N ASP B 131 2.89 22.24 26.93
CA ASP B 131 3.90 23.06 27.59
C ASP B 131 5.14 23.12 26.72
N TYR B 132 6.01 24.14 26.93
CA TYR B 132 7.25 24.25 26.17
C TYR B 132 8.45 23.87 27.02
N ILE B 133 9.40 23.15 26.41
CA ILE B 133 10.68 22.75 27.00
C ILE B 133 11.74 23.48 26.17
N GLY B 134 12.60 24.24 26.84
CA GLY B 134 13.67 24.99 26.18
C GLY B 134 13.89 26.39 26.71
N PRO B 135 14.84 27.15 26.11
CA PRO B 135 15.70 26.80 24.97
C PRO B 135 16.72 25.70 25.26
N LEU B 136 16.92 24.84 24.26
CA LEU B 136 17.83 23.71 24.25
C LEU B 136 18.97 24.03 23.27
N PRO B 137 20.11 23.30 23.25
CA PRO B 137 21.15 23.62 22.25
C PRO B 137 20.55 23.44 20.85
N PRO B 138 20.90 24.29 19.88
CA PRO B 138 20.29 24.16 18.54
C PRO B 138 20.50 22.81 17.88
N SER B 139 19.43 22.25 17.34
CA SER B 139 19.47 20.97 16.61
C SER B 139 18.64 21.14 15.36
N GLN B 140 19.30 21.15 14.20
CA GLN B 140 18.67 21.33 12.88
C GLN B 140 17.89 22.67 12.85
N GLY B 141 18.41 23.66 13.56
CA GLY B 141 17.83 24.99 13.66
C GLY B 141 16.73 25.14 14.70
N TYR B 142 16.39 24.04 15.39
CA TYR B 142 15.34 24.02 16.42
C TYR B 142 15.90 24.22 17.79
N LEU B 143 15.17 24.95 18.66
CA LEU B 143 15.59 25.28 20.02
C LEU B 143 14.62 24.86 21.12
N TYR B 144 13.36 24.60 20.78
CA TYR B 144 12.33 24.23 21.76
C TYR B 144 11.60 22.97 21.39
N VAL B 145 10.85 22.40 22.35
CA VAL B 145 10.02 21.22 22.16
C VAL B 145 8.68 21.54 22.75
N LEU B 146 7.60 21.46 21.95
CA LEU B 146 6.24 21.65 22.48
C LEU B 146 5.80 20.24 22.90
N VAL B 147 5.43 20.06 24.17
CA VAL B 147 5.03 18.79 24.75
C VAL B 147 3.54 18.77 24.86
N VAL B 148 2.89 17.73 24.30
CA VAL B 148 1.45 17.55 24.38
C VAL B 148 1.24 16.17 25.04
N VAL B 149 0.44 16.12 26.10
CA VAL B 149 0.18 14.87 26.82
C VAL B 149 -1.32 14.71 26.96
N ASP B 150 -1.87 13.57 26.49
CA ASP B 150 -3.29 13.31 26.67
C ASP B 150 -3.46 12.99 28.18
N GLY B 151 -4.41 13.65 28.84
CA GLY B 151 -4.68 13.50 30.25
C GLY B 151 -5.08 12.11 30.73
N MET B 152 -5.97 11.45 29.98
CA MET B 152 -6.44 10.12 30.32
C MET B 152 -5.40 9.00 30.15
N THR B 153 -4.88 8.82 28.92
CA THR B 153 -3.93 7.74 28.57
C THR B 153 -2.48 8.02 28.94
N GLY B 154 -2.08 9.29 28.99
CA GLY B 154 -0.71 9.68 29.26
C GLY B 154 0.12 9.68 27.98
N PHE B 155 -0.53 9.59 26.77
CA PHE B 155 0.15 9.58 25.47
C PHE B 155 0.79 10.95 25.19
N THR B 156 2.04 10.94 24.72
CA THR B 156 2.84 12.13 24.45
C THR B 156 3.19 12.34 22.98
N TRP B 157 2.97 13.57 22.50
CA TRP B 157 3.34 14.03 21.18
C TRP B 157 4.30 15.18 21.46
N LEU B 158 5.45 15.16 20.79
CA LEU B 158 6.51 16.15 20.90
C LEU B 158 6.75 16.84 19.52
N TYR B 159 6.87 18.18 19.51
CA TYR B 159 7.10 18.94 18.27
C TYR B 159 8.22 19.94 18.47
N PRO B 160 9.27 19.89 17.61
CA PRO B 160 10.35 20.89 17.73
C PRO B 160 9.90 22.22 17.12
N THR B 161 10.20 23.33 17.79
CA THR B 161 9.87 24.68 17.33
C THR B 161 11.13 25.53 17.41
N LYS B 162 11.16 26.64 16.67
CA LYS B 162 12.31 27.54 16.68
C LYS B 162 12.14 28.61 17.76
N ALA B 163 10.91 28.71 18.30
CA ALA B 163 10.52 29.68 19.32
C ALA B 163 9.25 29.24 20.10
N PRO B 164 9.05 29.77 21.34
CA PRO B 164 7.83 29.46 22.09
C PRO B 164 6.76 30.52 21.77
N SER B 165 6.47 30.69 20.49
CA SER B 165 5.52 31.70 20.03
C SER B 165 4.17 31.11 19.69
N THR B 166 3.14 31.97 19.52
CA THR B 166 1.79 31.54 19.13
C THR B 166 1.82 30.89 17.75
N SER B 167 2.61 31.44 16.82
CA SER B 167 2.70 30.92 15.46
C SER B 167 3.29 29.52 15.43
N ALA B 168 4.38 29.28 16.20
CA ALA B 168 5.02 27.97 16.30
C ALA B 168 4.07 26.95 16.97
N THR B 169 3.25 27.42 17.96
CA THR B 169 2.29 26.59 18.68
C THR B 169 1.19 26.17 17.70
N VAL B 170 0.66 27.14 16.92
CA VAL B 170 -0.38 26.95 15.90
C VAL B 170 0.15 26.03 14.77
N LYS B 171 1.39 26.25 14.28
CA LYS B 171 1.93 25.39 13.22
C LYS B 171 2.01 23.93 13.67
N SER B 172 2.54 23.69 14.89
CA SER B 172 2.68 22.35 15.48
C SER B 172 1.37 21.70 15.83
N LEU B 173 0.47 22.42 16.52
CA LEU B 173 -0.83 21.90 16.89
C LEU B 173 -1.75 21.62 15.68
N ASN B 174 -1.50 22.26 14.51
CA ASN B 174 -2.26 22.04 13.27
C ASN B 174 -1.96 20.66 12.75
N VAL B 175 -0.75 20.14 13.05
CA VAL B 175 -0.34 18.80 12.67
C VAL B 175 -1.06 17.83 13.60
N LEU B 176 -0.98 18.05 14.92
CA LEU B 176 -1.66 17.17 15.87
C LEU B 176 -3.18 17.13 15.67
N THR B 177 -3.82 18.31 15.50
CA THR B 177 -5.28 18.41 15.34
C THR B 177 -5.74 17.90 13.96
N SER B 178 -4.83 17.35 13.13
CA SER B 178 -5.17 16.74 11.84
C SER B 178 -5.31 15.23 12.02
N ILE B 179 -4.97 14.75 13.25
CA ILE B 179 -5.04 13.38 13.71
C ILE B 179 -6.16 13.31 14.74
N ALA B 180 -6.14 14.20 15.75
CA ALA B 180 -7.14 14.20 16.81
C ALA B 180 -7.31 15.57 17.45
N ILE B 181 -8.55 16.01 17.67
CA ILE B 181 -8.85 17.29 18.31
C ILE B 181 -9.24 17.08 19.80
N PRO B 182 -8.62 17.79 20.77
CA PRO B 182 -9.03 17.60 22.16
C PRO B 182 -10.26 18.46 22.48
N LYS B 183 -11.06 18.09 23.48
CA LYS B 183 -12.20 18.91 23.90
C LYS B 183 -11.65 20.14 24.65
N VAL B 184 -10.54 19.94 25.39
CA VAL B 184 -9.87 20.96 26.19
C VAL B 184 -8.37 20.86 26.01
N ILE B 185 -7.69 22.04 26.00
CA ILE B 185 -6.23 22.19 25.97
C ILE B 185 -5.92 22.89 27.31
N HIS B 186 -5.02 22.31 28.12
CA HIS B 186 -4.63 22.90 29.40
C HIS B 186 -3.19 23.37 29.26
N SER B 187 -2.90 24.56 29.77
CA SER B 187 -1.56 25.14 29.74
C SER B 187 -1.38 26.10 30.90
N ASP B 188 -0.15 26.59 31.10
CA ASP B 188 0.13 27.61 32.11
C ASP B 188 -0.19 28.98 31.42
N GLN B 189 0.19 30.11 32.04
CA GLN B 189 -0.10 31.42 31.45
C GLN B 189 1.04 31.99 30.59
N GLY B 190 1.68 31.12 29.82
CA GLY B 190 2.75 31.50 28.90
C GLY B 190 2.18 32.34 27.78
N ALA B 191 2.91 33.38 27.34
CA ALA B 191 2.50 34.32 26.29
C ALA B 191 1.89 33.67 25.04
N ALA B 192 2.54 32.60 24.52
CA ALA B 192 2.08 31.86 23.36
C ALA B 192 0.67 31.31 23.52
N PHE B 193 0.28 30.91 24.75
CA PHE B 193 -1.04 30.30 25.01
C PHE B 193 -2.10 31.27 25.45
N THR B 194 -1.72 32.47 25.94
CA THR B 194 -2.70 33.47 26.41
C THR B 194 -3.04 34.52 25.33
N SER B 195 -2.29 34.53 24.20
CA SER B 195 -2.50 35.45 23.07
C SER B 195 -3.92 35.35 22.51
N SER B 196 -4.43 36.45 21.94
CA SER B 196 -5.78 36.45 21.36
C SER B 196 -5.82 35.61 20.07
N THR B 197 -4.65 35.47 19.40
CA THR B 197 -4.48 34.67 18.19
C THR B 197 -4.69 33.19 18.54
N PHE B 198 -4.09 32.71 19.66
CA PHE B 198 -4.24 31.33 20.10
C PHE B 198 -5.65 31.10 20.58
N ALA B 199 -6.26 32.10 21.23
CA ALA B 199 -7.67 32.02 21.68
C ALA B 199 -8.59 31.86 20.46
N GLU B 200 -8.34 32.62 19.35
CA GLU B 200 -9.10 32.57 18.09
C GLU B 200 -8.97 31.17 17.43
N TRP B 201 -7.72 30.64 17.32
CA TRP B 201 -7.41 29.33 16.77
C TRP B 201 -8.24 28.20 17.46
N ALA B 202 -8.29 28.22 18.82
CA ALA B 202 -9.04 27.23 19.60
C ALA B 202 -10.53 27.35 19.37
N LYS B 203 -11.09 28.59 19.44
CA LYS B 203 -12.51 28.86 19.21
C LYS B 203 -12.97 28.28 17.87
N GLU B 204 -12.13 28.44 16.82
CA GLU B 204 -12.36 27.94 15.46
C GLU B 204 -12.51 26.42 15.42
N ARG B 205 -11.78 25.69 16.29
CA ARG B 205 -11.80 24.23 16.34
C ARG B 205 -12.70 23.65 17.41
N GLY B 206 -13.38 24.52 18.15
CA GLY B 206 -14.29 24.12 19.22
C GLY B 206 -13.54 23.57 20.42
N ILE B 207 -12.29 24.02 20.63
CA ILE B 207 -11.40 23.65 21.72
C ILE B 207 -11.53 24.70 22.86
N HIS B 208 -11.76 24.24 24.10
CA HIS B 208 -11.85 25.13 25.22
C HIS B 208 -10.45 25.28 25.82
N LEU B 209 -9.99 26.51 26.01
CA LEU B 209 -8.67 26.74 26.61
C LEU B 209 -8.81 26.82 28.13
N GLU B 210 -7.92 26.13 28.85
CA GLU B 210 -7.92 26.06 30.31
C GLU B 210 -6.56 26.41 30.83
N PHE B 211 -6.52 27.33 31.76
CA PHE B 211 -5.26 27.81 32.31
C PHE B 211 -5.15 27.55 33.77
N SER B 212 -3.92 27.35 34.21
CA SER B 212 -3.63 27.19 35.61
C SER B 212 -3.36 28.64 36.10
N THR B 213 -3.54 28.89 37.41
CA THR B 213 -3.28 30.18 38.06
C THR B 213 -1.78 30.57 37.88
N PRO B 214 -1.43 31.86 37.60
CA PRO B 214 0.01 32.21 37.45
C PRO B 214 0.84 31.77 38.67
N TYR B 215 2.04 31.20 38.41
CA TYR B 215 3.04 30.70 39.37
C TYR B 215 2.59 29.39 40.13
N HIS B 216 1.36 28.89 39.86
CA HIS B 216 0.79 27.66 40.48
C HIS B 216 0.41 26.62 39.38
N PRO B 217 1.42 25.91 38.82
CA PRO B 217 1.13 24.95 37.74
C PRO B 217 0.55 23.61 38.19
N GLN B 218 -0.74 23.42 37.93
CA GLN B 218 -1.46 22.19 38.27
C GLN B 218 -1.95 21.47 37.00
N SER B 219 -1.60 20.18 36.88
CA SER B 219 -2.02 19.37 35.76
C SER B 219 -2.85 18.22 36.31
N SER B 220 -2.19 17.11 36.69
CA SER B 220 -2.72 15.88 37.27
C SER B 220 -1.50 15.06 37.71
N GLY B 221 -1.70 14.10 38.62
CA GLY B 221 -0.64 13.23 39.10
C GLY B 221 0.08 12.54 37.94
N LYS B 222 -0.71 11.86 37.09
CA LYS B 222 -0.25 11.13 35.91
C LYS B 222 0.53 12.04 34.93
N VAL B 223 0.00 13.26 34.67
CA VAL B 223 0.59 14.24 33.76
C VAL B 223 1.88 14.85 34.37
N GLU B 224 1.84 15.30 35.65
CA GLU B 224 3.00 15.88 36.35
C GLU B 224 4.16 14.87 36.30
N ARG B 225 3.86 13.58 36.62
CA ARG B 225 4.83 12.48 36.59
C ARG B 225 5.36 12.30 35.17
N LYS B 226 4.46 12.30 34.15
CA LYS B 226 4.83 12.15 32.73
C LYS B 226 5.79 13.26 32.26
N ASN B 227 5.48 14.54 32.58
CA ASN B 227 6.32 15.68 32.24
C ASN B 227 7.70 15.62 32.90
N SER B 228 7.80 14.96 34.09
CA SER B 228 9.06 14.75 34.81
C SER B 228 9.91 13.77 33.98
N ASP B 229 9.32 12.62 33.57
CA ASP B 229 9.97 11.59 32.76
C ASP B 229 10.51 12.21 31.48
N ILE B 230 9.70 13.06 30.80
CA ILE B 230 10.07 13.74 29.54
C ILE B 230 11.32 14.58 29.73
N LYS B 231 11.30 15.53 30.71
CA LYS B 231 12.44 16.42 31.01
C LYS B 231 13.72 15.62 31.39
N ARG B 232 13.57 14.53 32.18
CA ARG B 232 14.68 13.67 32.59
C ARG B 232 15.24 12.79 31.46
N LEU B 233 14.37 12.26 30.58
CA LEU B 233 14.76 11.42 29.45
C LEU B 233 15.48 12.27 28.40
N LEU B 234 15.03 13.52 28.22
CA LEU B 234 15.64 14.47 27.30
C LEU B 234 17.03 14.83 27.81
N THR B 235 17.17 15.13 29.13
CA THR B 235 18.44 15.48 29.80
C THR B 235 19.46 14.34 29.66
N LYS B 236 19.03 13.10 29.92
CA LYS B 236 19.84 11.88 29.83
C LYS B 236 20.43 11.70 28.42
N LEU B 237 19.58 11.83 27.38
CA LEU B 237 19.99 11.66 25.99
C LEU B 237 20.73 12.88 25.41
N LEU B 238 20.47 14.12 25.92
CA LEU B 238 21.16 15.34 25.47
C LEU B 238 22.67 15.17 25.74
N VAL B 239 23.05 14.85 27.00
CA VAL B 239 24.42 14.61 27.46
C VAL B 239 25.20 13.78 26.41
N GLY B 240 26.28 14.35 25.88
CA GLY B 240 27.13 13.71 24.89
C GLY B 240 26.84 14.12 23.46
N ARG B 241 25.55 14.31 23.13
CA ARG B 241 25.05 14.70 21.79
C ARG B 241 23.96 15.80 21.95
N PRO B 242 24.27 16.98 22.57
CA PRO B 242 23.22 18.00 22.79
C PRO B 242 22.67 18.69 21.54
N THR B 243 23.29 18.44 20.39
CA THR B 243 22.94 19.04 19.11
C THR B 243 22.29 18.03 18.14
N LYS B 244 22.00 16.80 18.61
CA LYS B 244 21.41 15.75 17.80
C LYS B 244 20.03 15.28 18.29
N TRP B 245 19.36 16.08 19.16
CA TRP B 245 18.05 15.73 19.72
C TRP B 245 16.88 15.74 18.74
N TYR B 246 16.94 16.53 17.64
CA TYR B 246 15.86 16.61 16.63
C TYR B 246 15.55 15.22 16.06
N ASP B 247 16.60 14.48 15.70
CA ASP B 247 16.54 13.15 15.11
C ASP B 247 16.11 12.09 16.12
N LEU B 248 16.28 12.38 17.44
CA LEU B 248 15.91 11.44 18.52
C LEU B 248 14.47 11.56 19.00
N LEU B 249 13.77 12.68 18.69
CA LEU B 249 12.38 12.90 19.10
C LEU B 249 11.47 11.68 18.79
N PRO B 250 11.51 11.01 17.61
CA PRO B 250 10.64 9.82 17.42
C PRO B 250 10.94 8.68 18.41
N VAL B 251 12.24 8.38 18.73
CA VAL B 251 12.58 7.29 19.66
C VAL B 251 12.21 7.68 21.12
N VAL B 252 12.32 8.97 21.48
CA VAL B 252 11.95 9.45 22.82
C VAL B 252 10.45 9.21 23.05
N GLN B 253 9.62 9.57 22.05
CA GLN B 253 8.17 9.40 22.06
C GLN B 253 7.74 7.94 22.17
N LEU B 254 8.37 7.04 21.39
CA LEU B 254 8.06 5.61 21.40
C LEU B 254 8.35 5.04 22.77
N ALA B 255 9.51 5.42 23.35
CA ALA B 255 9.95 5.01 24.70
C ALA B 255 8.90 5.43 25.71
N LEU B 256 8.54 6.72 25.72
CA LEU B 256 7.56 7.28 26.65
C LEU B 256 6.19 6.67 26.56
N ASN B 257 5.73 6.34 25.33
CA ASN B 257 4.39 5.82 25.09
C ASN B 257 4.28 4.31 25.27
N ASN B 258 5.43 3.66 25.38
CA ASN B 258 5.53 2.22 25.61
C ASN B 258 6.09 1.91 27.00
N THR B 259 5.95 2.90 27.90
CA THR B 259 6.36 2.85 29.28
C THR B 259 5.12 2.45 30.10
N TYR B 260 5.26 1.36 30.86
CA TYR B 260 4.19 0.82 31.71
C TYR B 260 3.78 1.80 32.82
N SER B 261 2.44 1.97 33.02
CA SER B 261 1.87 2.83 34.05
C SER B 261 1.51 1.99 35.30
N PRO B 262 2.29 2.19 36.41
CA PRO B 262 2.03 1.42 37.64
C PRO B 262 0.61 1.51 38.21
N VAL B 263 -0.04 2.68 38.02
CA VAL B 263 -1.39 2.97 38.50
C VAL B 263 -2.49 2.41 37.59
N LEU B 264 -2.27 2.41 36.26
CA LEU B 264 -3.32 1.96 35.32
C LEU B 264 -3.13 0.54 34.74
N LYS B 265 -1.96 -0.11 34.99
CA LYS B 265 -1.61 -1.48 34.52
C LYS B 265 -1.27 -1.52 32.99
N TYR B 266 -1.58 -0.44 32.24
CA TYR B 266 -1.32 -0.38 30.81
C TYR B 266 -0.46 0.81 30.45
N THR B 267 0.26 0.73 29.31
CA THR B 267 1.12 1.82 28.81
C THR B 267 0.19 2.84 28.07
N PRO B 268 0.64 4.10 27.76
CA PRO B 268 -0.22 5.02 26.99
C PRO B 268 -0.63 4.50 25.60
N HIS B 269 0.22 3.68 24.94
CA HIS B 269 -0.08 3.09 23.64
C HIS B 269 -1.27 2.13 23.75
N GLN B 270 -1.29 1.27 24.79
CA GLN B 270 -2.37 0.29 25.00
C GLN B 270 -3.68 0.97 25.27
N LEU B 271 -3.67 2.03 26.09
CA LEU B 271 -4.87 2.79 26.43
C LEU B 271 -5.42 3.61 25.26
N LEU B 272 -4.54 4.02 24.36
CA LEU B 272 -4.96 4.82 23.21
C LEU B 272 -5.50 3.96 22.07
N PHE B 273 -4.81 2.84 21.74
CA PHE B 273 -5.19 1.95 20.63
C PHE B 273 -5.89 0.65 21.01
N GLY B 274 -5.79 0.22 22.27
CA GLY B 274 -6.40 -1.02 22.75
C GLY B 274 -5.76 -2.28 22.21
N ILE B 275 -4.44 -2.22 21.95
CA ILE B 275 -3.60 -3.30 21.42
C ILE B 275 -2.21 -3.20 22.06
N ASP B 276 -1.40 -4.26 21.92
CA ASP B 276 -0.02 -4.22 22.40
C ASP B 276 0.79 -3.57 21.27
N SER B 277 1.98 -3.07 21.58
CA SER B 277 2.78 -2.41 20.56
C SER B 277 3.77 -3.39 19.94
N ASN B 278 4.40 -2.99 18.83
CA ASN B 278 5.40 -3.80 18.12
C ASN B 278 6.81 -3.42 18.60
N THR B 279 6.86 -2.39 19.47
CA THR B 279 8.08 -1.88 20.07
C THR B 279 7.86 -1.85 21.59
N PRO B 280 7.89 -3.01 22.27
CA PRO B 280 7.71 -2.97 23.74
C PRO B 280 9.04 -2.48 24.36
N PHE B 281 8.98 -1.71 25.43
CA PHE B 281 10.22 -1.22 26.02
C PHE B 281 10.47 -1.92 27.34
N ALA B 282 10.83 -3.22 27.22
CA ALA B 282 11.12 -4.14 28.31
C ALA B 282 12.31 -3.68 29.16
N ASN B 283 13.40 -3.23 28.49
CA ASN B 283 14.61 -2.73 29.14
C ASN B 283 14.34 -1.36 29.79
N GLN B 284 13.77 -1.40 31.02
CA GLN B 284 13.45 -0.20 31.79
C GLN B 284 14.78 0.40 32.25
N ASP B 285 15.28 1.40 31.48
CA ASP B 285 16.55 2.09 31.72
C ASP B 285 16.51 3.03 32.94
N THR B 286 17.71 3.32 33.50
CA THR B 286 18.01 4.14 34.67
C THR B 286 17.27 5.48 34.76
N LEU B 287 17.31 6.30 33.68
CA LEU B 287 16.73 7.66 33.60
C LEU B 287 17.53 8.65 34.47
N ASP B 288 18.29 8.11 35.43
CA ASP B 288 19.17 8.85 36.36
C ASP B 288 20.54 8.94 35.70
N LEU B 289 21.19 10.10 35.82
CA LEU B 289 22.51 10.34 35.23
C LEU B 289 23.62 9.60 35.99
N THR B 290 24.52 8.92 35.23
CA THR B 290 25.68 8.18 35.78
C THR B 290 26.74 9.21 36.19
N ARG B 291 27.71 8.83 37.07
CA ARG B 291 28.78 9.75 37.51
C ARG B 291 29.60 10.31 36.32
N GLU B 292 29.67 9.52 35.24
CA GLU B 292 30.34 9.83 33.98
C GLU B 292 29.51 10.88 33.21
N GLU B 293 28.17 10.68 33.11
CA GLU B 293 27.21 11.58 32.44
C GLU B 293 27.05 12.90 33.20
N GLU B 294 27.19 12.86 34.55
CA GLU B 294 27.11 14.02 35.44
C GLU B 294 28.33 14.92 35.21
N LEU B 295 29.54 14.31 35.08
CA LEU B 295 30.82 14.99 34.83
C LEU B 295 30.83 15.58 33.40
N SER B 296 30.31 14.81 32.42
CA SER B 296 30.21 15.21 31.00
C SER B 296 29.16 16.33 30.84
N LEU B 297 28.13 16.36 31.73
CA LEU B 297 27.06 17.36 31.76
C LEU B 297 27.57 18.68 32.35
N LEU B 298 28.39 18.60 33.43
CA LEU B 298 28.96 19.78 34.07
C LEU B 298 30.07 20.42 33.23
N GLN B 299 30.65 19.64 32.28
CA GLN B 299 31.69 20.08 31.34
C GLN B 299 31.03 20.99 30.29
N GLU B 300 29.81 20.61 29.82
CA GLU B 300 29.00 21.35 28.84
C GLU B 300 28.56 22.71 29.41
N ILE B 301 28.34 22.79 30.76
CA ILE B 301 27.97 23.99 31.51
C ILE B 301 29.30 24.78 31.77
N ARG B 302 29.84 25.37 30.68
CA ARG B 302 31.08 26.15 30.61
C ARG B 302 31.12 26.90 29.27
#